data_4BZ0
#
_entry.id   4BZ0
#
_cell.length_a   52.740
_cell.length_b   52.740
_cell.length_c   127.020
_cell.angle_alpha   90.00
_cell.angle_beta   90.00
_cell.angle_gamma   90.00
#
_symmetry.space_group_name_H-M   'P 41 21 2'
#
loop_
_entity.id
_entity.type
_entity.pdbx_description
1 polymer 'PUTATIVE TYPE IV PILUS BIOSYNTHESIS PROTEIN'
2 non-polymer 'POTASSIUM ION'
3 water water
#
_entity_poly.entity_id   1
_entity_poly.type   'polypeptide(L)'
_entity_poly.pdbx_seq_one_letter_code
;MSAQVIQIGRQRFVGGLFWQSLSRRNELRAEAVELAKKLKFDLMVLRIDRGVAAAGYANTRDGFAPGHLSLGAMVSRAIA
LEGAFYNGRRQPAPNWLGAFALPDGRWAYFAVRDHAFMPNGDWVGSREEALERLHTDYAWGGWNVVIGEPELERQGFQNF
QPKRLDDLLPRRGGRPRTERWWALRPVERRLS
;
_entity_poly.pdbx_strand_id   A
#
loop_
_chem_comp.id
_chem_comp.type
_chem_comp.name
_chem_comp.formula
K non-polymer 'POTASSIUM ION' 'K 1'
#
# COMPACT_ATOMS: atom_id res chain seq x y z
N GLN A 4 6.40 -3.97 13.54
CA GLN A 4 5.28 -3.68 14.49
C GLN A 4 3.89 -3.98 13.87
N VAL A 5 3.21 -4.99 14.39
CA VAL A 5 1.89 -5.30 13.88
C VAL A 5 0.99 -4.09 14.15
N ILE A 6 0.02 -3.94 13.26
CA ILE A 6 -1.02 -2.94 13.37
C ILE A 6 -2.29 -3.71 13.65
N GLN A 7 -2.83 -3.54 14.85
CA GLN A 7 -4.04 -4.24 15.25
C GLN A 7 -5.24 -3.43 14.79
N ILE A 8 -6.07 -4.07 13.98
CA ILE A 8 -7.28 -3.46 13.45
C ILE A 8 -8.37 -4.46 13.71
N GLY A 9 -9.25 -4.14 14.67
CA GLY A 9 -10.20 -5.11 15.18
C GLY A 9 -9.42 -6.26 15.79
N ARG A 10 -9.78 -7.49 15.47
CA ARG A 10 -9.00 -8.61 16.02
C ARG A 10 -7.96 -9.16 15.02
N GLN A 11 -7.72 -8.41 13.93
CA GLN A 11 -6.70 -8.75 12.89
C GLN A 11 -5.37 -8.00 13.09
N ARG A 12 -4.27 -8.67 12.76
CA ARG A 12 -2.92 -8.12 12.86
C ARG A 12 -2.39 -7.83 11.43
N PHE A 13 -2.30 -6.54 11.11
CA PHE A 13 -1.77 -6.10 9.83
C PHE A 13 -0.34 -5.58 9.96
N VAL A 14 0.34 -5.50 8.82
CA VAL A 14 1.69 -4.89 8.78
C VAL A 14 1.83 -3.95 7.59
N GLY A 15 2.60 -2.88 7.82
CA GLY A 15 3.11 -2.02 6.76
C GLY A 15 4.61 -2.21 6.59
N GLY A 16 5.20 -1.57 5.58
CA GLY A 16 6.65 -1.57 5.42
C GLY A 16 7.22 -2.70 4.59
N LEU A 17 6.40 -3.29 3.72
CA LEU A 17 6.87 -4.29 2.79
C LEU A 17 7.62 -3.60 1.65
N PHE A 18 8.53 -4.34 1.04
CA PHE A 18 9.26 -3.86 -0.10
C PHE A 18 8.58 -4.43 -1.32
N TRP A 19 8.11 -3.54 -2.19
CA TRP A 19 7.31 -3.95 -3.35
C TRP A 19 8.09 -4.05 -4.64
N GLN A 20 7.95 -5.22 -5.23
CA GLN A 20 8.66 -5.53 -6.46
C GLN A 20 7.72 -5.98 -7.56
N SER A 21 7.71 -5.26 -8.67
N SER A 21 7.69 -5.28 -8.68
CA SER A 21 6.91 -5.68 -9.80
CA SER A 21 6.86 -5.79 -9.74
C SER A 21 7.60 -6.87 -10.51
C SER A 21 7.59 -6.91 -10.48
N LEU A 22 6.78 -7.81 -11.02
CA LEU A 22 7.24 -9.03 -11.64
C LEU A 22 7.12 -8.90 -13.15
N SER A 23 7.92 -9.70 -13.85
CA SER A 23 8.05 -9.59 -15.30
C SER A 23 6.77 -10.03 -16.04
N ARG A 24 6.10 -11.03 -15.46
CA ARG A 24 4.89 -11.69 -16.02
C ARG A 24 5.27 -12.70 -17.09
N ARG A 25 6.57 -12.92 -17.26
CA ARG A 25 7.07 -13.79 -18.32
C ARG A 25 7.20 -15.25 -17.89
N ASN A 26 7.52 -15.50 -16.63
CA ASN A 26 7.75 -16.87 -16.18
C ASN A 26 6.69 -17.19 -15.13
N GLU A 27 6.78 -18.37 -14.51
N GLU A 27 6.78 -18.37 -14.51
CA GLU A 27 5.89 -18.66 -13.38
CA GLU A 27 5.97 -18.68 -13.34
C GLU A 27 6.09 -17.55 -12.36
C GLU A 27 6.11 -17.53 -12.35
N LEU A 28 4.99 -16.89 -12.02
CA LEU A 28 5.03 -15.70 -11.18
C LEU A 28 5.59 -16.01 -9.81
N ARG A 29 5.09 -17.08 -9.18
CA ARG A 29 5.58 -17.49 -7.90
C ARG A 29 7.09 -17.80 -7.89
N ALA A 30 7.56 -18.59 -8.85
CA ALA A 30 8.99 -18.94 -8.92
C ALA A 30 9.88 -17.72 -9.17
N GLU A 31 9.42 -16.80 -10.02
CA GLU A 31 10.13 -15.53 -10.20
C GLU A 31 10.22 -14.73 -8.90
N ALA A 32 9.10 -14.61 -8.19
CA ALA A 32 9.06 -13.89 -6.91
C ALA A 32 10.05 -14.49 -5.91
N VAL A 33 10.08 -15.82 -5.85
CA VAL A 33 10.99 -16.52 -4.95
C VAL A 33 12.43 -16.20 -5.30
N GLU A 34 12.76 -16.26 -6.58
CA GLU A 34 14.15 -16.01 -6.98
C GLU A 34 14.58 -14.57 -6.71
N LEU A 35 13.66 -13.63 -6.84
CA LEU A 35 13.96 -12.26 -6.55
C LEU A 35 14.11 -12.04 -5.04
N ALA A 36 13.28 -12.68 -4.22
CA ALA A 36 13.48 -12.62 -2.76
C ALA A 36 14.88 -13.12 -2.39
N LYS A 37 15.33 -14.18 -3.02
CA LYS A 37 16.65 -14.68 -2.73
C LYS A 37 17.74 -13.66 -3.08
N LYS A 38 17.60 -12.97 -4.22
CA LYS A 38 18.59 -11.94 -4.64
C LYS A 38 18.53 -10.69 -3.79
N LEU A 39 17.31 -10.30 -3.40
CA LEU A 39 17.11 -9.09 -2.62
C LEU A 39 17.24 -9.35 -1.12
N LYS A 40 17.30 -10.63 -0.75
CA LYS A 40 17.53 -11.06 0.64
C LYS A 40 16.33 -10.83 1.53
N PHE A 41 15.21 -11.42 1.14
CA PHE A 41 14.00 -11.39 1.93
C PHE A 41 13.52 -12.83 2.14
N ASP A 42 13.01 -13.11 3.34
CA ASP A 42 12.54 -14.46 3.68
C ASP A 42 11.00 -14.60 3.75
N LEU A 43 10.29 -13.47 3.68
CA LEU A 43 8.83 -13.48 3.68
C LEU A 43 8.28 -12.78 2.43
N MET A 44 7.15 -13.26 1.93
CA MET A 44 6.52 -12.62 0.79
C MET A 44 5.00 -12.74 0.76
N VAL A 45 4.38 -11.72 0.14
CA VAL A 45 3.00 -11.77 -0.32
CA VAL A 45 2.99 -11.76 -0.34
C VAL A 45 2.99 -11.58 -1.86
N LEU A 46 2.01 -12.16 -2.53
CA LEU A 46 1.98 -12.13 -3.97
C LEU A 46 0.68 -11.49 -4.38
N ARG A 47 0.78 -10.33 -5.04
CA ARG A 47 -0.36 -9.61 -5.57
C ARG A 47 -0.49 -9.80 -7.09
N ILE A 48 -1.47 -10.61 -7.48
CA ILE A 48 -1.73 -10.91 -8.89
C ILE A 48 -3.21 -10.68 -9.19
N ASP A 49 -3.52 -9.62 -9.92
CA ASP A 49 -4.85 -9.45 -10.51
C ASP A 49 -4.68 -8.79 -11.86
N ARG A 50 -5.76 -8.38 -12.51
CA ARG A 50 -5.62 -7.80 -13.84
C ARG A 50 -4.81 -6.51 -13.82
N GLY A 51 -4.92 -5.76 -12.74
CA GLY A 51 -4.17 -4.53 -12.59
C GLY A 51 -2.71 -4.72 -12.22
N VAL A 52 -2.30 -5.90 -11.75
CA VAL A 52 -0.97 -6.02 -11.14
C VAL A 52 -0.38 -7.42 -11.02
N ALA A 53 0.93 -7.49 -11.20
CA ALA A 53 1.73 -8.66 -10.82
C ALA A 53 2.92 -8.17 -10.04
N ALA A 54 2.90 -8.39 -8.74
CA ALA A 54 3.91 -7.80 -7.85
C ALA A 54 4.03 -8.65 -6.60
N ALA A 55 5.20 -8.57 -5.98
CA ALA A 55 5.48 -9.25 -4.74
C ALA A 55 5.81 -8.22 -3.68
N GLY A 56 5.33 -8.44 -2.45
CA GLY A 56 5.66 -7.63 -1.30
C GLY A 56 6.52 -8.42 -0.34
N TYR A 57 7.70 -7.90 -0.02
CA TYR A 57 8.72 -8.66 0.71
C TYR A 57 9.03 -8.10 2.09
N ALA A 58 9.37 -8.99 3.01
CA ALA A 58 9.82 -8.60 4.37
C ALA A 58 10.74 -9.64 4.98
N ASN A 59 11.41 -9.26 6.06
CA ASN A 59 12.31 -10.18 6.78
C ASN A 59 11.86 -10.42 8.20
N THR A 60 11.99 -11.67 8.63
CA THR A 60 11.68 -12.04 10.01
C THR A 60 12.50 -11.23 11.01
N ARG A 61 13.73 -10.90 10.62
CA ARG A 61 14.64 -10.17 11.49
C ARG A 61 14.16 -8.76 11.77
N ASP A 62 13.31 -8.21 10.91
CA ASP A 62 12.77 -6.86 11.13
C ASP A 62 11.46 -6.86 11.93
N GLY A 63 11.05 -8.04 12.39
CA GLY A 63 9.86 -8.18 13.21
C GLY A 63 8.64 -8.65 12.44
N PHE A 64 8.81 -9.01 11.16
CA PHE A 64 7.71 -9.56 10.38
C PHE A 64 7.64 -11.07 10.57
N ALA A 65 6.45 -11.62 10.35
CA ALA A 65 6.18 -13.03 10.57
C ALA A 65 5.16 -13.57 9.59
N PRO A 66 5.26 -14.85 9.30
CA PRO A 66 4.18 -15.50 8.53
C PRO A 66 2.82 -15.25 9.16
N GLY A 67 1.80 -15.07 8.33
CA GLY A 67 0.44 -14.83 8.83
C GLY A 67 0.10 -13.36 9.06
N HIS A 68 1.10 -12.50 9.21
CA HIS A 68 0.83 -11.05 9.27
C HIS A 68 0.14 -10.68 7.97
N LEU A 69 -0.90 -9.87 8.05
CA LEU A 69 -1.63 -9.45 6.84
C LEU A 69 -1.08 -8.12 6.30
N SER A 70 -0.91 -8.07 4.99
CA SER A 70 -0.51 -6.83 4.34
C SER A 70 -1.64 -5.77 4.30
N LEU A 71 -1.44 -4.71 5.07
CA LEU A 71 -2.32 -3.54 5.03
C LEU A 71 -2.36 -2.92 3.63
N GLY A 72 -1.18 -2.74 3.04
CA GLY A 72 -1.07 -2.27 1.67
C GLY A 72 -1.88 -3.08 0.70
N ALA A 73 -1.72 -4.41 0.74
CA ALA A 73 -2.49 -5.29 -0.16
C ALA A 73 -3.98 -4.97 -0.03
N MET A 74 -4.44 -4.84 1.21
CA MET A 74 -5.86 -4.58 1.49
C MET A 74 -6.29 -3.22 0.93
N VAL A 75 -5.53 -2.17 1.25
CA VAL A 75 -5.90 -0.82 0.86
C VAL A 75 -5.88 -0.65 -0.67
N SER A 76 -4.77 -1.07 -1.30
CA SER A 76 -4.60 -0.98 -2.76
C SER A 76 -5.68 -1.75 -3.55
N ARG A 77 -6.03 -2.94 -3.08
CA ARG A 77 -7.16 -3.70 -3.62
C ARG A 77 -8.47 -2.96 -3.60
N ALA A 78 -8.77 -2.41 -2.44
CA ALA A 78 -10.01 -1.69 -2.21
C ALA A 78 -10.14 -0.46 -3.12
N ILE A 79 -9.06 0.28 -3.35
CA ILE A 79 -9.07 1.43 -4.29
C ILE A 79 -9.10 0.98 -5.76
N ALA A 80 -8.43 -0.13 -6.06
CA ALA A 80 -8.48 -0.72 -7.38
C ALA A 80 -9.93 -1.10 -7.75
N LEU A 81 -10.67 -1.60 -6.77
CA LEU A 81 -12.08 -2.00 -6.98
C LEU A 81 -13.01 -0.79 -7.04
N GLU A 82 -12.91 0.10 -6.05
CA GLU A 82 -13.82 1.26 -5.95
C GLU A 82 -13.50 2.42 -6.90
N GLY A 83 -12.22 2.59 -7.22
CA GLY A 83 -11.74 3.84 -7.82
C GLY A 83 -11.79 4.98 -6.79
N ALA A 84 -11.88 6.20 -7.29
CA ALA A 84 -11.85 7.38 -6.42
C ALA A 84 -12.79 8.45 -6.92
N PHE A 85 -13.11 9.36 -6.02
CA PHE A 85 -14.02 10.42 -6.26
C PHE A 85 -13.28 11.75 -6.14
N TYR A 86 -13.21 12.47 -7.24
CA TYR A 86 -12.60 13.81 -7.26
C TYR A 86 -13.05 14.49 -8.57
N ASN A 87 -13.02 15.83 -8.64
CA ASN A 87 -13.56 16.54 -9.83
C ASN A 87 -15.05 16.23 -10.03
N GLY A 88 -15.75 15.91 -8.94
CA GLY A 88 -17.15 15.51 -9.03
C GLY A 88 -17.48 14.25 -9.82
N ARG A 89 -16.49 13.38 -10.02
N ARG A 89 -16.49 13.37 -9.99
CA ARG A 89 -16.67 12.19 -10.85
CA ARG A 89 -16.63 12.17 -10.82
C ARG A 89 -16.11 10.96 -10.13
C ARG A 89 -16.13 10.95 -10.08
N ARG A 90 -16.68 9.79 -10.43
CA ARG A 90 -16.14 8.50 -9.98
C ARG A 90 -15.27 8.02 -11.13
N GLN A 91 -13.99 7.81 -10.84
CA GLN A 91 -13.01 7.41 -11.87
C GLN A 91 -11.94 6.45 -11.31
N PRO A 92 -11.37 5.60 -12.18
CA PRO A 92 -10.25 4.76 -11.73
C PRO A 92 -9.13 5.65 -11.26
N ALA A 93 -8.36 5.18 -10.29
CA ALA A 93 -7.24 5.94 -9.77
C ALA A 93 -6.00 5.07 -9.77
N PRO A 94 -5.43 4.83 -10.97
CA PRO A 94 -4.21 4.00 -11.05
C PRO A 94 -2.99 4.60 -10.32
N ASN A 95 -2.94 5.93 -10.24
CA ASN A 95 -1.86 6.65 -9.57
C ASN A 95 -2.42 7.45 -8.42
N TRP A 96 -2.22 6.94 -7.20
CA TRP A 96 -2.74 7.63 -6.03
C TRP A 96 -1.80 7.53 -4.86
N LEU A 97 -1.89 8.50 -3.97
CA LEU A 97 -1.07 8.48 -2.77
C LEU A 97 -1.94 8.91 -1.63
N GLY A 98 -1.55 8.50 -0.45
CA GLY A 98 -2.40 8.74 0.68
C GLY A 98 -1.74 8.51 1.99
N ALA A 99 -2.40 9.05 3.02
CA ALA A 99 -2.00 8.80 4.40
C ALA A 99 -3.28 8.66 5.22
N PHE A 100 -3.27 7.66 6.11
CA PHE A 100 -4.44 7.32 6.95
C PHE A 100 -4.00 7.13 8.41
N ALA A 101 -4.79 7.68 9.34
CA ALA A 101 -4.65 7.36 10.75
C ALA A 101 -4.99 5.88 10.97
N LEU A 102 -4.11 5.20 11.70
CA LEU A 102 -4.35 3.87 12.22
C LEU A 102 -4.93 3.94 13.65
N PRO A 103 -5.62 2.88 14.09
CA PRO A 103 -6.29 2.95 15.40
C PRO A 103 -5.34 3.25 16.56
N ASP A 104 -4.11 2.73 16.50
CA ASP A 104 -3.17 2.93 17.61
CA ASP A 104 -3.15 2.91 17.59
C ASP A 104 -2.45 4.28 17.61
N GLY A 105 -2.76 5.16 16.65
CA GLY A 105 -2.15 6.50 16.63
C GLY A 105 -1.09 6.70 15.56
N ARG A 106 -0.39 5.64 15.20
CA ARG A 106 0.49 5.68 14.04
C ARG A 106 -0.32 5.99 12.78
N TRP A 107 0.39 6.44 11.74
CA TRP A 107 -0.20 6.68 10.42
C TRP A 107 0.41 5.74 9.37
N ALA A 108 -0.39 5.43 8.36
CA ALA A 108 0.06 4.63 7.22
C ALA A 108 0.19 5.56 6.03
N TYR A 109 1.28 5.41 5.28
CA TYR A 109 1.48 6.11 4.02
C TYR A 109 1.51 5.11 2.85
N PHE A 110 0.82 5.45 1.76
CA PHE A 110 0.75 4.61 0.56
C PHE A 110 1.01 5.40 -0.72
N ALA A 111 1.82 4.85 -1.61
CA ALA A 111 2.07 5.42 -2.92
C ALA A 111 1.94 4.31 -3.99
N VAL A 112 0.96 4.50 -4.88
CA VAL A 112 0.57 3.50 -5.88
C VAL A 112 0.61 4.12 -7.27
N ARG A 113 1.25 3.43 -8.22
CA ARG A 113 1.28 3.89 -9.61
C ARG A 113 0.95 2.69 -10.48
N ASP A 114 0.04 2.91 -11.43
CA ASP A 114 -0.48 1.84 -12.29
C ASP A 114 -1.03 0.67 -11.45
N HIS A 115 -1.78 1.00 -10.40
CA HIS A 115 -2.37 0.04 -9.46
C HIS A 115 -1.38 -0.81 -8.68
N ALA A 116 -0.07 -0.57 -8.82
CA ALA A 116 0.96 -1.28 -8.07
C ALA A 116 1.68 -0.33 -7.14
N PHE A 117 2.07 -0.88 -5.99
CA PHE A 117 2.96 -0.17 -5.09
C PHE A 117 4.32 0.21 -5.63
N MET A 118 4.68 1.46 -5.40
CA MET A 118 6.04 1.88 -5.53
C MET A 118 6.86 1.07 -4.52
N PRO A 119 8.16 0.89 -4.80
CA PRO A 119 9.01 0.03 -4.04
C PRO A 119 9.00 0.25 -2.53
N ASN A 120 9.04 1.52 -2.09
CA ASN A 120 8.79 1.89 -0.70
C ASN A 120 7.49 2.67 -0.50
N GLY A 121 6.47 2.36 -1.29
CA GLY A 121 5.18 3.06 -1.21
C GLY A 121 4.17 2.46 -0.19
N ASP A 122 4.69 1.89 0.89
CA ASP A 122 3.92 1.16 1.89
C ASP A 122 4.72 1.33 3.17
N TRP A 123 4.27 2.27 4.00
CA TRP A 123 5.03 2.71 5.12
C TRP A 123 4.16 3.06 6.31
N VAL A 124 4.66 2.77 7.51
CA VAL A 124 3.94 3.07 8.74
C VAL A 124 4.91 3.73 9.74
N GLY A 125 4.41 4.75 10.41
CA GLY A 125 5.19 5.50 11.39
C GLY A 125 4.36 6.68 11.85
N SER A 126 5.02 7.80 12.16
CA SER A 126 4.29 8.97 12.66
C SER A 126 3.53 9.73 11.60
N ARG A 127 2.50 10.43 12.07
CA ARG A 127 1.74 11.32 11.22
C ARG A 127 2.67 12.28 10.50
N GLU A 128 3.52 12.90 11.29
CA GLU A 128 4.54 13.85 10.84
CA GLU A 128 4.46 13.91 10.78
C GLU A 128 5.34 13.37 9.59
N GLU A 129 5.93 12.20 9.79
CA GLU A 129 6.76 11.62 8.73
C GLU A 129 5.94 11.07 7.55
N ALA A 130 4.72 10.62 7.80
CA ALA A 130 3.85 10.20 6.69
C ALA A 130 3.58 11.37 5.75
N LEU A 131 3.26 12.53 6.34
CA LEU A 131 3.02 13.78 5.57
C LEU A 131 4.27 14.22 4.79
N GLU A 132 5.43 14.14 5.42
CA GLU A 132 6.70 14.47 4.74
C GLU A 132 6.91 13.54 3.53
N ARG A 133 6.64 12.24 3.69
CA ARG A 133 6.80 11.26 2.60
C ARG A 133 5.81 11.55 1.47
N LEU A 134 4.57 11.82 1.84
CA LEU A 134 3.51 12.21 0.88
C LEU A 134 3.91 13.44 0.06
N HIS A 135 4.29 14.54 0.71
CA HIS A 135 4.68 15.73 -0.06
C HIS A 135 5.88 15.47 -0.98
N THR A 136 6.85 14.72 -0.51
CA THR A 136 8.04 14.44 -1.27
C THR A 136 7.71 13.68 -2.56
N ASP A 137 6.93 12.61 -2.41
CA ASP A 137 6.46 11.88 -3.62
C ASP A 137 5.54 12.73 -4.48
N TYR A 138 4.69 13.52 -3.83
CA TYR A 138 3.78 14.41 -4.56
C TYR A 138 4.49 15.32 -5.55
N ALA A 139 5.69 15.77 -5.18
CA ALA A 139 6.42 16.70 -6.02
C ALA A 139 6.78 16.14 -7.41
N TRP A 140 6.87 14.81 -7.54
CA TRP A 140 7.19 14.24 -8.85
C TRP A 140 6.09 14.43 -9.88
N GLY A 141 4.86 14.71 -9.43
CA GLY A 141 3.70 14.81 -10.34
C GLY A 141 3.20 13.48 -10.91
N GLY A 142 2.18 13.58 -11.78
CA GLY A 142 1.56 12.41 -12.39
C GLY A 142 0.63 11.66 -11.45
N TRP A 143 0.13 12.34 -10.43
CA TRP A 143 -0.78 11.73 -9.46
C TRP A 143 -2.22 12.09 -9.80
N ASN A 144 -3.11 11.10 -9.83
CA ASN A 144 -4.54 11.38 -10.11
C ASN A 144 -5.23 12.09 -8.94
N VAL A 145 -4.90 11.66 -7.72
CA VAL A 145 -5.64 12.06 -6.54
C VAL A 145 -4.87 11.67 -5.27
N VAL A 146 -5.01 12.49 -4.23
CA VAL A 146 -4.57 12.15 -2.90
C VAL A 146 -5.80 11.60 -2.16
N ILE A 147 -5.65 10.43 -1.55
CA ILE A 147 -6.75 9.81 -0.80
C ILE A 147 -6.30 9.62 0.64
N GLY A 148 -7.07 10.12 1.59
CA GLY A 148 -6.64 9.93 2.96
C GLY A 148 -7.47 10.60 4.02
N GLU A 149 -6.88 10.61 5.22
CA GLU A 149 -7.48 11.21 6.39
C GLU A 149 -8.13 12.55 6.04
N PRO A 150 -9.42 12.73 6.39
CA PRO A 150 -10.16 13.95 6.01
C PRO A 150 -9.43 15.27 6.27
N GLU A 151 -8.62 15.34 7.32
CA GLU A 151 -7.87 16.56 7.66
C GLU A 151 -6.80 16.98 6.65
N LEU A 152 -6.53 16.11 5.66
CA LEU A 152 -5.55 16.45 4.62
C LEU A 152 -6.08 17.44 3.58
N GLU A 153 -7.39 17.64 3.56
N GLU A 153 -7.38 17.70 3.54
CA GLU A 153 -8.04 18.69 2.77
CA GLU A 153 -7.89 18.70 2.60
C GLU A 153 -7.38 20.05 2.96
C GLU A 153 -7.40 20.10 2.95
N ARG A 154 -6.89 20.27 4.17
CA ARG A 154 -6.22 21.51 4.56
C ARG A 154 -4.80 21.61 4.00
N GLN A 155 -4.32 20.55 3.35
CA GLN A 155 -3.04 20.59 2.63
C GLN A 155 -3.16 21.27 1.28
N GLY A 156 -4.38 21.31 0.73
CA GLY A 156 -4.62 21.96 -0.55
C GLY A 156 -3.91 21.28 -1.71
N PHE A 157 -4.07 19.96 -1.78
CA PHE A 157 -3.73 19.21 -2.97
C PHE A 157 -4.85 19.48 -3.97
N GLN A 158 -4.49 19.46 -5.26
N GLN A 158 -4.55 19.47 -5.27
CA GLN A 158 -5.42 19.74 -6.35
CA GLN A 158 -5.58 19.86 -6.24
C GLN A 158 -6.62 18.81 -6.32
C GLN A 158 -6.67 18.79 -6.43
N ASN A 159 -6.35 17.51 -6.18
CA ASN A 159 -7.38 16.47 -6.13
C ASN A 159 -7.23 15.65 -4.88
N PHE A 160 -8.26 15.71 -4.03
CA PHE A 160 -8.25 15.04 -2.74
C PHE A 160 -9.57 14.35 -2.48
N GLN A 161 -9.52 13.10 -2.03
CA GLN A 161 -10.72 12.42 -1.57
C GLN A 161 -10.54 12.06 -0.11
N PRO A 162 -11.38 12.62 0.77
CA PRO A 162 -11.32 12.15 2.14
C PRO A 162 -11.80 10.71 2.28
N LYS A 163 -11.12 9.97 3.13
CA LYS A 163 -11.34 8.54 3.26
C LYS A 163 -10.66 8.06 4.52
N ARG A 164 -11.42 7.39 5.39
CA ARG A 164 -10.85 6.77 6.58
C ARG A 164 -10.64 5.30 6.33
N LEU A 165 -9.64 4.71 6.98
CA LEU A 165 -9.33 3.29 6.80
C LEU A 165 -10.54 2.36 6.96
N ASP A 166 -11.41 2.69 7.91
CA ASP A 166 -12.62 1.89 8.18
C ASP A 166 -13.47 1.71 6.92
N ASP A 167 -13.54 2.78 6.13
CA ASP A 167 -14.35 2.81 4.91
C ASP A 167 -13.85 1.86 3.81
N LEU A 168 -12.59 1.44 3.89
CA LEU A 168 -11.97 0.61 2.86
C LEU A 168 -11.89 -0.89 3.20
N LEU A 169 -11.89 -1.23 4.49
CA LEU A 169 -11.73 -2.64 4.91
C LEU A 169 -12.56 -3.63 4.09
N THR A 178 -10.81 -10.66 5.56
CA THR A 178 -9.89 -10.38 4.46
C THR A 178 -9.57 -11.58 3.56
N GLU A 179 -8.89 -11.31 2.46
CA GLU A 179 -8.54 -12.33 1.47
C GLU A 179 -7.24 -13.03 1.82
N ARG A 180 -7.26 -14.35 1.65
CA ARG A 180 -6.13 -15.20 2.04
C ARG A 180 -4.81 -14.71 1.49
N TRP A 181 -4.84 -14.12 0.32
CA TRP A 181 -3.60 -13.75 -0.35
C TRP A 181 -2.85 -12.61 0.36
N TRP A 182 -3.50 -11.91 1.28
CA TRP A 182 -2.85 -10.83 2.00
C TRP A 182 -1.79 -11.28 3.01
N ALA A 183 -1.77 -12.57 3.39
CA ALA A 183 -0.91 -13.05 4.49
C ALA A 183 0.50 -13.30 4.03
N LEU A 184 1.48 -12.81 4.79
CA LEU A 184 2.88 -13.11 4.56
C LEU A 184 3.15 -14.59 4.72
N ARG A 185 3.96 -15.14 3.84
CA ARG A 185 4.34 -16.54 3.89
C ARG A 185 5.84 -16.68 3.70
N PRO A 186 6.42 -17.80 4.18
CA PRO A 186 7.83 -18.07 3.93
C PRO A 186 8.17 -18.14 2.44
N VAL A 187 9.33 -17.61 2.06
CA VAL A 187 9.75 -17.69 0.66
C VAL A 187 10.24 -19.10 0.37
K K B . 11.09 -2.78 -6.51
K K C . 8.95 4.47 -3.22
K K D . 13.28 -1.07 -6.53
K K E . 1.69 -3.91 3.67
K K F . 14.45 0.10 -4.35
K K G . 9.47 -2.74 -8.80
K K H . 5.80 10.26 -11.27
#